data_8AWW
#
_entry.id   8AWW
#
_cell.length_a   43.480
_cell.length_b   85.340
_cell.length_c   63.790
_cell.angle_alpha   90.000
_cell.angle_beta   90.000
_cell.angle_gamma   90.000
#
_symmetry.space_group_name_H-M   'P 21 21 2'
#
loop_
_entity.id
_entity.type
_entity.pdbx_description
1 polymer Transthyretin
2 non-polymer ~{N}-(6-azanylhexyl)-2-[3,5-bis(chloranyl)phenyl]-1,3-benzoxazole-6-carboxamide
3 water water
#
_entity_poly.entity_id   1
_entity_poly.type   'polypeptide(L)'
_entity_poly.pdbx_seq_one_letter_code
;CPLMVKVLDAVRGSPAINVAVHVFRKAADDTWEPFASGKTSESGELHGLTTEEEFVEGIYKVEIDTKSYWKALGISPFHE
HAEVVFTANDSGPRRYTIAALLSPYSYSTTAVVTNP
;
_entity_poly.pdbx_strand_id   A,B
#
# COMPACT_ATOMS: atom_id res chain seq x y z
N CYS A 1 -0.92 0.04 -22.75
CA CYS A 1 0.44 -0.35 -23.16
C CYS A 1 1.56 0.12 -22.21
N PRO A 2 1.58 1.39 -21.76
CA PRO A 2 2.66 1.77 -20.84
C PRO A 2 2.43 1.29 -19.42
N LEU A 3 1.19 0.93 -19.05
CA LEU A 3 0.88 0.57 -17.68
C LEU A 3 0.03 -0.70 -17.67
N MET A 4 0.48 -1.73 -16.92
CA MET A 4 -0.31 -2.93 -16.78
C MET A 4 -0.30 -3.33 -15.30
N VAL A 5 -1.36 -4.00 -14.87
CA VAL A 5 -1.49 -4.42 -13.47
C VAL A 5 -1.69 -5.93 -13.47
N LYS A 6 -0.95 -6.64 -12.65
CA LYS A 6 -1.11 -8.09 -12.57
C LYS A 6 -1.32 -8.47 -11.11
N VAL A 7 -2.32 -9.29 -10.84
CA VAL A 7 -2.70 -9.59 -9.45
C VAL A 7 -2.75 -11.09 -9.28
N LEU A 8 -2.09 -11.59 -8.23
CA LEU A 8 -2.04 -13.03 -7.94
C LEU A 8 -2.62 -13.31 -6.56
N ASP A 9 -3.10 -14.53 -6.39
CA ASP A 9 -3.78 -14.95 -5.16
C ASP A 9 -2.89 -15.98 -4.49
N ALA A 10 -2.35 -15.65 -3.30
CA ALA A 10 -1.41 -16.51 -2.57
C ALA A 10 -2.07 -17.64 -1.80
N VAL A 11 -3.39 -17.58 -1.61
CA VAL A 11 -4.13 -18.62 -0.93
C VAL A 11 -4.47 -19.75 -1.89
N ARG A 12 -5.01 -19.40 -3.05
CA ARG A 12 -5.41 -20.38 -4.06
C ARG A 12 -4.31 -20.73 -5.05
N GLY A 13 -3.24 -19.96 -5.11
CA GLY A 13 -2.20 -20.21 -6.10
C GLY A 13 -2.67 -19.97 -7.52
N SER A 14 -3.24 -18.79 -7.79
CA SER A 14 -3.94 -18.59 -9.05
C SER A 14 -3.87 -17.10 -9.37
N PRO A 15 -4.12 -16.74 -10.61
CA PRO A 15 -4.42 -15.32 -10.87
C PRO A 15 -5.58 -14.90 -10.00
N ALA A 16 -5.61 -13.61 -9.65
CA ALA A 16 -6.76 -13.05 -8.94
C ALA A 16 -7.65 -12.39 -9.98
N ILE A 17 -8.80 -13.05 -10.26
CA ILE A 17 -9.66 -12.68 -11.38
C ILE A 17 -10.80 -11.81 -10.86
N ASN A 18 -11.21 -10.87 -11.73
CA ASN A 18 -12.34 -9.98 -11.49
C ASN A 18 -12.10 -9.07 -10.29
N VAL A 19 -10.87 -8.66 -10.13
CA VAL A 19 -10.48 -7.69 -9.10
C VAL A 19 -10.60 -6.29 -9.70
N ALA A 20 -11.36 -5.41 -9.02
CA ALA A 20 -11.46 -4.04 -9.51
C ALA A 20 -10.18 -3.27 -9.20
N VAL A 21 -9.76 -2.46 -10.17
CA VAL A 21 -8.53 -1.69 -10.05
C VAL A 21 -8.84 -0.28 -10.51
N HIS A 22 -8.51 0.73 -9.68
CA HIS A 22 -8.67 2.13 -10.09
C HIS A 22 -7.32 2.82 -10.10
N VAL A 23 -7.06 3.62 -11.12
CA VAL A 23 -5.82 4.38 -11.22
C VAL A 23 -6.17 5.85 -11.11
N PHE A 24 -5.35 6.60 -10.39
CA PHE A 24 -5.55 8.01 -10.11
C PHE A 24 -4.25 8.76 -10.45
N ARG A 25 -4.40 10.01 -10.85
CA ARG A 25 -3.25 10.88 -11.02
C ARG A 25 -3.36 12.03 -10.04
N LYS A 26 -2.24 12.38 -9.42
CA LYS A 26 -2.26 13.44 -8.42
C LYS A 26 -2.33 14.80 -9.11
N ALA A 27 -3.32 15.62 -8.72
CA ALA A 27 -3.55 16.93 -9.31
C ALA A 27 -2.73 17.99 -8.57
N ALA A 28 -2.67 19.20 -9.17
CA ALA A 28 -1.83 20.27 -8.62
C ALA A 28 -2.26 20.63 -7.22
N ASP A 29 -3.56 20.54 -6.91
CA ASP A 29 -4.10 20.78 -5.58
C ASP A 29 -3.95 19.57 -4.65
N ASP A 30 -3.14 18.58 -5.03
CA ASP A 30 -2.87 17.36 -4.26
C ASP A 30 -4.09 16.47 -4.07
N THR A 31 -5.16 16.65 -4.83
CA THR A 31 -6.22 15.64 -4.82
C THR A 31 -5.92 14.55 -5.85
N TRP A 32 -6.65 13.43 -5.73
CA TRP A 32 -6.46 12.29 -6.62
C TRP A 32 -7.52 12.30 -7.72
N GLU A 33 -7.11 12.54 -8.92
CA GLU A 33 -8.05 12.58 -10.03
C GLU A 33 -8.24 11.20 -10.65
N PRO A 34 -9.46 10.75 -10.88
CA PRO A 34 -9.65 9.47 -11.57
C PRO A 34 -9.01 9.51 -12.93
N PHE A 35 -8.40 8.39 -13.32
CA PHE A 35 -7.61 8.39 -14.54
C PHE A 35 -8.04 7.20 -15.39
N ALA A 36 -8.16 6.02 -14.81
CA ALA A 36 -8.46 4.82 -15.57
C ALA A 36 -8.89 3.75 -14.58
N SER A 37 -9.63 2.75 -15.03
CA SER A 37 -9.96 1.62 -14.15
C SER A 37 -10.39 0.42 -14.98
N GLY A 38 -10.51 -0.72 -14.31
CA GLY A 38 -10.93 -1.93 -14.97
C GLY A 38 -10.98 -3.06 -13.97
N LYS A 39 -11.22 -4.27 -14.48
CA LYS A 39 -11.25 -5.47 -13.65
C LYS A 39 -10.20 -6.43 -14.20
N THR A 40 -9.49 -7.14 -13.34
CA THR A 40 -8.52 -8.10 -13.88
C THR A 40 -9.19 -9.23 -14.65
N SER A 41 -8.46 -9.73 -15.64
CA SER A 41 -8.91 -10.80 -16.52
C SER A 41 -8.78 -12.15 -15.86
N GLU A 42 -9.12 -13.19 -16.64
CA GLU A 42 -8.95 -14.58 -16.17
C GLU A 42 -7.48 -14.91 -15.89
N SER A 43 -6.53 -14.16 -16.44
CA SER A 43 -5.13 -14.33 -16.15
C SER A 43 -4.66 -13.36 -15.07
N GLY A 44 -5.60 -12.66 -14.42
CA GLY A 44 -5.20 -11.75 -13.37
C GLY A 44 -4.60 -10.44 -13.85
N GLU A 45 -4.80 -10.08 -15.12
CA GLU A 45 -4.11 -8.96 -15.74
C GLU A 45 -5.10 -7.89 -16.13
N LEU A 46 -4.65 -6.66 -16.10
CA LEU A 46 -5.46 -5.54 -16.58
C LEU A 46 -4.59 -4.69 -17.49
N HIS A 47 -4.91 -4.71 -18.78
CA HIS A 47 -4.16 -4.04 -19.84
C HIS A 47 -4.98 -2.84 -20.32
N GLY A 48 -4.34 -2.00 -21.13
CA GLY A 48 -5.10 -1.00 -21.86
C GLY A 48 -5.61 0.14 -21.03
N LEU A 49 -5.02 0.38 -19.86
CA LEU A 49 -5.51 1.43 -18.98
C LEU A 49 -5.26 2.81 -19.56
N THR A 50 -4.13 3.01 -20.24
CA THR A 50 -3.76 4.33 -20.70
C THR A 50 -2.97 4.22 -21.99
N THR A 51 -2.52 5.36 -22.51
CA THR A 51 -1.71 5.39 -23.71
C THR A 51 -0.41 6.11 -23.43
N GLU A 52 0.52 5.89 -24.36
CA GLU A 52 1.81 6.55 -24.31
C GLU A 52 1.65 8.07 -24.20
N GLU A 53 0.70 8.63 -24.98
CA GLU A 53 0.54 10.09 -24.98
C GLU A 53 -0.02 10.57 -23.66
N GLU A 54 -1.00 9.84 -23.11
CA GLU A 54 -1.68 10.31 -21.91
C GLU A 54 -0.84 10.13 -20.62
N PHE A 55 0.03 9.13 -20.60
CA PHE A 55 0.71 8.72 -19.37
C PHE A 55 1.97 9.56 -19.19
N VAL A 56 1.74 10.84 -18.88
CA VAL A 56 2.84 11.79 -18.72
C VAL A 56 3.44 11.63 -17.33
N GLU A 57 4.60 12.23 -17.13
CA GLU A 57 5.23 12.22 -15.80
C GLU A 57 4.28 12.80 -14.77
N GLY A 58 4.34 12.26 -13.58
CA GLY A 58 3.40 12.65 -12.54
C GLY A 58 3.42 11.57 -11.48
N ILE A 59 2.64 11.81 -10.44
CA ILE A 59 2.47 10.85 -9.36
C ILE A 59 1.16 10.14 -9.58
N TYR A 60 1.21 8.79 -9.60
CA TYR A 60 0.05 7.96 -9.88
C TYR A 60 -0.24 7.07 -8.66
N LYS A 61 -1.51 6.74 -8.48
CA LYS A 61 -1.93 5.79 -7.46
C LYS A 61 -2.73 4.68 -8.13
N VAL A 62 -2.36 3.42 -7.84
CA VAL A 62 -3.11 2.28 -8.33
C VAL A 62 -3.78 1.67 -7.12
N GLU A 63 -5.10 1.63 -7.10
CA GLU A 63 -5.83 1.14 -5.94
C GLU A 63 -6.50 -0.17 -6.31
N ILE A 64 -6.13 -1.26 -5.64
CA ILE A 64 -6.63 -2.58 -5.95
C ILE A 64 -7.68 -2.98 -4.89
N ASP A 65 -8.90 -3.35 -5.31
CA ASP A 65 -9.98 -3.57 -4.33
C ASP A 65 -9.89 -5.01 -3.83
N THR A 66 -8.90 -5.21 -2.92
CA THR A 66 -8.65 -6.54 -2.36
C THR A 66 -9.78 -6.96 -1.43
N LYS A 67 -10.41 -6.02 -0.74
CA LYS A 67 -11.43 -6.38 0.23
C LYS A 67 -12.60 -7.09 -0.45
N SER A 68 -13.11 -6.52 -1.57
CA SER A 68 -14.19 -7.18 -2.32
C SER A 68 -13.80 -8.57 -2.81
N TYR A 69 -12.54 -8.75 -3.20
CA TYR A 69 -12.08 -10.05 -3.68
C TYR A 69 -12.17 -11.11 -2.59
N TRP A 70 -11.61 -10.82 -1.39
CA TRP A 70 -11.69 -11.78 -0.30
C TRP A 70 -13.15 -12.01 0.15
N LYS A 71 -13.96 -10.96 0.14
CA LYS A 71 -15.37 -11.13 0.49
C LYS A 71 -16.04 -12.11 -0.45
N ALA A 72 -15.70 -12.03 -1.74
CA ALA A 72 -16.30 -12.98 -2.68
C ALA A 72 -15.92 -14.42 -2.37
N LEU A 73 -14.71 -14.66 -1.83
CA LEU A 73 -14.24 -15.98 -1.50
C LEU A 73 -14.65 -16.42 -0.10
N GLY A 74 -15.33 -15.55 0.65
CA GLY A 74 -15.75 -15.91 1.99
C GLY A 74 -14.63 -15.96 3.02
N ILE A 75 -13.60 -15.12 2.85
CA ILE A 75 -12.44 -15.14 3.72
C ILE A 75 -12.28 -13.72 4.28
N SER A 76 -12.15 -13.61 5.59
CA SER A 76 -12.14 -12.31 6.25
C SER A 76 -10.83 -11.59 5.96
N PRO A 77 -10.84 -10.40 5.35
CA PRO A 77 -9.58 -9.72 5.00
C PRO A 77 -9.23 -8.61 5.98
N PHE A 78 -7.97 -8.23 5.97
CA PHE A 78 -7.54 -7.11 6.81
C PHE A 78 -7.69 -5.75 6.12
N HIS A 79 -7.16 -5.61 4.92
CA HIS A 79 -7.03 -4.29 4.30
C HIS A 79 -8.34 -3.86 3.63
N GLU A 80 -8.53 -2.54 3.55
CA GLU A 80 -9.62 -2.02 2.74
C GLU A 80 -9.32 -2.19 1.27
N HIS A 81 -8.05 -2.02 0.89
CA HIS A 81 -7.54 -2.13 -0.48
C HIS A 81 -6.04 -2.14 -0.37
N ALA A 82 -5.40 -2.35 -1.51
CA ALA A 82 -3.96 -2.21 -1.63
C ALA A 82 -3.71 -1.03 -2.53
N GLU A 83 -2.91 -0.05 -2.08
CA GLU A 83 -2.62 1.16 -2.84
C GLU A 83 -1.14 1.22 -3.18
N VAL A 84 -0.84 1.47 -4.45
CA VAL A 84 0.53 1.51 -4.92
C VAL A 84 0.72 2.92 -5.50
N VAL A 85 1.62 3.72 -4.92
CA VAL A 85 1.77 5.12 -5.28
C VAL A 85 3.20 5.32 -5.76
N PHE A 86 3.36 5.94 -6.94
CA PHE A 86 4.69 6.01 -7.56
C PHE A 86 4.75 7.21 -8.49
N THR A 87 5.97 7.68 -8.77
CA THR A 87 6.18 8.69 -9.80
C THR A 87 6.57 8.02 -11.11
N ALA A 88 5.91 8.42 -12.19
CA ALA A 88 6.25 7.98 -13.54
C ALA A 88 7.33 8.91 -14.10
N ASN A 89 8.40 8.34 -14.66
CA ASN A 89 9.63 9.08 -15.00
C ASN A 89 10.05 8.76 -16.43
N ASP A 90 10.13 9.79 -17.26
CA ASP A 90 10.44 9.53 -18.67
C ASP A 90 11.86 9.05 -18.94
N SER A 91 12.83 9.38 -18.09
CA SER A 91 14.22 9.06 -18.41
C SER A 91 14.46 7.56 -18.48
N GLY A 92 13.95 6.81 -17.51
CA GLY A 92 14.16 5.38 -17.45
C GLY A 92 13.29 4.60 -18.43
N PRO A 93 13.14 3.31 -18.15
CA PRO A 93 12.39 2.43 -19.07
C PRO A 93 10.90 2.80 -19.16
N ARG A 94 10.27 2.28 -20.22
CA ARG A 94 9.01 2.81 -20.72
C ARG A 94 7.77 1.98 -20.39
N ARG A 95 7.90 0.75 -19.91
CA ARG A 95 6.71 -0.05 -19.60
C ARG A 95 6.68 -0.35 -18.11
N TYR A 96 5.54 -0.09 -17.46
CA TYR A 96 5.37 -0.33 -16.02
C TYR A 96 4.39 -1.47 -15.81
N THR A 97 4.86 -2.57 -15.19
CA THR A 97 3.95 -3.58 -14.68
C THR A 97 3.92 -3.47 -13.17
N ILE A 98 2.73 -3.22 -12.65
CA ILE A 98 2.51 -3.18 -11.21
C ILE A 98 1.98 -4.54 -10.84
N ALA A 99 2.77 -5.36 -10.14
CA ALA A 99 2.29 -6.67 -9.75
C ALA A 99 1.97 -6.69 -8.28
N ALA A 100 0.94 -7.44 -7.90
CA ALA A 100 0.60 -7.57 -6.50
C ALA A 100 0.24 -9.00 -6.18
N LEU A 101 0.67 -9.47 -5.00
CA LEU A 101 0.43 -10.83 -4.53
C LEU A 101 -0.40 -10.69 -3.27
N LEU A 102 -1.58 -11.29 -3.25
CA LEU A 102 -2.57 -11.03 -2.19
C LEU A 102 -2.71 -12.22 -1.26
N SER A 103 -2.72 -11.91 0.04
CA SER A 103 -3.23 -12.82 1.07
C SER A 103 -4.24 -12.07 1.94
N PRO A 104 -5.05 -12.79 2.74
CA PRO A 104 -6.09 -12.05 3.49
C PRO A 104 -5.53 -10.99 4.44
N TYR A 105 -4.38 -11.24 5.09
CA TYR A 105 -3.82 -10.31 6.05
C TYR A 105 -2.49 -9.72 5.57
N SER A 106 -2.15 -9.84 4.27
CA SER A 106 -0.83 -9.40 3.82
C SER A 106 -0.92 -9.17 2.32
N TYR A 107 -0.17 -8.20 1.82
CA TYR A 107 0.06 -8.17 0.38
C TYR A 107 1.46 -7.68 0.09
N SER A 108 1.94 -8.01 -1.09
CA SER A 108 3.22 -7.52 -1.53
C SER A 108 3.03 -6.93 -2.91
N THR A 109 3.87 -5.97 -3.26
CA THR A 109 3.73 -5.43 -4.61
C THR A 109 5.14 -5.14 -5.12
N THR A 110 5.32 -5.28 -6.41
CA THR A 110 6.60 -4.97 -7.00
C THR A 110 6.35 -4.25 -8.31
N ALA A 111 7.32 -3.48 -8.77
CA ALA A 111 7.23 -2.83 -10.08
C ALA A 111 8.24 -3.50 -10.99
N VAL A 112 7.80 -3.88 -12.19
CA VAL A 112 8.71 -4.37 -13.22
C VAL A 112 8.68 -3.32 -14.32
N VAL A 113 9.80 -2.63 -14.50
CA VAL A 113 9.91 -1.43 -15.32
C VAL A 113 10.92 -1.75 -16.41
N THR A 114 10.47 -1.83 -17.67
CA THR A 114 11.32 -2.39 -18.72
C THR A 114 11.18 -1.57 -19.99
N ASN A 115 12.10 -1.85 -20.93
CA ASN A 115 11.98 -1.50 -22.36
C ASN A 115 11.75 -2.77 -23.19
N CYS B 1 -0.19 1.20 23.49
CA CYS B 1 0.03 -0.19 23.10
C CYS B 1 -0.80 -0.81 21.92
N PRO B 2 -1.95 -0.24 21.50
CA PRO B 2 -2.77 -1.00 20.54
C PRO B 2 -2.33 -0.93 19.08
N LEU B 3 -1.41 -0.04 18.72
CA LEU B 3 -0.99 0.09 17.33
C LEU B 3 0.51 0.24 17.33
N MET B 4 1.21 -0.68 16.67
CA MET B 4 2.67 -0.63 16.55
C MET B 4 3.03 -0.82 15.10
N VAL B 5 4.13 -0.19 14.66
CA VAL B 5 4.59 -0.33 13.27
C VAL B 5 6.04 -0.83 13.30
N LYS B 6 6.34 -1.85 12.48
CA LYS B 6 7.71 -2.40 12.45
C LYS B 6 8.14 -2.47 11.00
N VAL B 7 9.35 -1.97 10.69
CA VAL B 7 9.79 -1.82 9.31
C VAL B 7 11.17 -2.47 9.19
N LEU B 8 11.32 -3.36 8.21
CA LEU B 8 12.56 -4.06 7.91
C LEU B 8 13.08 -3.69 6.52
N ASP B 9 14.39 -3.74 6.37
CA ASP B 9 15.06 -3.41 5.10
C ASP B 9 15.55 -4.72 4.50
N ALA B 10 15.01 -5.10 3.32
CA ALA B 10 15.32 -6.37 2.68
C ALA B 10 16.63 -6.34 1.89
N VAL B 11 17.24 -5.17 1.72
CA VAL B 11 18.53 -5.04 1.03
C VAL B 11 19.68 -5.26 2.01
N ARG B 12 19.58 -4.64 3.18
CA ARG B 12 20.63 -4.72 4.17
C ARG B 12 20.40 -5.81 5.21
N GLY B 13 19.16 -6.36 5.32
CA GLY B 13 18.91 -7.37 6.34
C GLY B 13 18.91 -6.79 7.74
N SER B 14 18.20 -5.66 7.90
CA SER B 14 18.32 -4.92 9.14
C SER B 14 16.98 -4.25 9.40
N PRO B 15 16.71 -3.83 10.62
CA PRO B 15 15.63 -2.87 10.82
C PRO B 15 15.84 -1.68 9.91
N ALA B 16 14.72 -1.05 9.52
CA ALA B 16 14.73 0.21 8.78
C ALA B 16 14.54 1.32 9.81
N ILE B 17 15.62 2.05 10.08
CA ILE B 17 15.73 3.01 11.19
C ILE B 17 15.35 4.38 10.68
N ASN B 18 14.69 5.14 11.54
CA ASN B 18 14.38 6.55 11.28
C ASN B 18 13.42 6.72 10.10
N VAL B 19 12.50 5.78 9.94
CA VAL B 19 11.49 5.89 8.89
C VAL B 19 10.31 6.68 9.44
N ALA B 20 9.90 7.73 8.71
CA ALA B 20 8.73 8.50 9.13
C ALA B 20 7.45 7.72 8.86
N VAL B 21 6.51 7.83 9.80
CA VAL B 21 5.24 7.13 9.70
C VAL B 21 4.15 8.12 10.10
N HIS B 22 3.12 8.26 9.24
CA HIS B 22 1.95 9.11 9.53
C HIS B 22 0.70 8.25 9.52
N VAL B 23 -0.13 8.39 10.56
CA VAL B 23 -1.36 7.63 10.67
C VAL B 23 -2.52 8.61 10.51
N PHE B 24 -3.54 8.20 9.76
CA PHE B 24 -4.72 9.03 9.55
C PHE B 24 -5.94 8.17 9.87
N ARG B 25 -7.06 8.83 10.14
CA ARG B 25 -8.33 8.15 10.45
C ARG B 25 -9.41 8.80 9.61
N LYS B 26 -10.26 8.00 8.99
CA LYS B 26 -11.26 8.57 8.09
C LYS B 26 -12.37 9.21 8.94
N ALA B 27 -12.68 10.47 8.62
CA ALA B 27 -13.70 11.19 9.39
C ALA B 27 -15.09 10.89 8.84
N ALA B 28 -16.10 11.39 9.57
CA ALA B 28 -17.48 11.19 9.16
C ALA B 28 -17.77 11.79 7.78
N ASP B 29 -17.09 12.86 7.42
CA ASP B 29 -17.26 13.48 6.11
C ASP B 29 -16.38 12.83 5.04
N ASP B 30 -15.79 11.68 5.36
CA ASP B 30 -15.01 10.86 4.46
C ASP B 30 -13.64 11.44 4.14
N THR B 31 -13.14 12.41 4.89
CA THR B 31 -11.79 12.88 4.63
C THR B 31 -10.83 12.17 5.58
N TRP B 32 -9.52 12.25 5.29
CA TRP B 32 -8.49 11.68 6.14
C TRP B 32 -8.05 12.70 7.16
N GLU B 33 -8.30 12.44 8.42
CA GLU B 33 -7.80 13.32 9.47
C GLU B 33 -6.49 12.82 10.05
N PRO B 34 -5.51 13.69 10.30
CA PRO B 34 -4.28 13.25 10.97
C PRO B 34 -4.59 12.67 12.34
N PHE B 35 -3.98 11.53 12.63
CA PHE B 35 -4.25 10.81 13.86
C PHE B 35 -3.02 10.67 14.76
N ALA B 36 -1.88 10.26 14.21
CA ALA B 36 -0.66 10.16 14.98
C ALA B 36 0.48 10.12 14.00
N SER B 37 1.69 10.40 14.48
CA SER B 37 2.86 10.18 13.64
C SER B 37 4.08 9.93 14.50
N GLY B 38 5.13 9.43 13.87
CA GLY B 38 6.37 9.18 14.58
C GLY B 38 7.41 8.62 13.62
N LYS B 39 8.55 8.19 14.17
CA LYS B 39 9.59 7.60 13.34
C LYS B 39 10.09 6.31 13.99
N THR B 40 10.55 5.40 13.16
CA THR B 40 11.03 4.15 13.72
C THR B 40 12.36 4.31 14.46
N SER B 41 12.51 3.48 15.47
CA SER B 41 13.68 3.47 16.32
C SER B 41 14.81 2.66 15.68
N GLU B 42 15.91 2.52 16.44
CA GLU B 42 17.04 1.66 16.04
C GLU B 42 16.62 0.22 15.81
N SER B 43 15.51 -0.24 16.41
CA SER B 43 15.03 -1.59 16.21
C SER B 43 14.02 -1.66 15.06
N GLY B 44 13.80 -0.54 14.37
CA GLY B 44 12.81 -0.50 13.28
C GLY B 44 11.37 -0.49 13.77
N GLU B 45 11.14 -0.19 15.05
CA GLU B 45 9.81 -0.21 15.65
C GLU B 45 9.35 1.19 16.03
N LEU B 46 8.03 1.40 15.95
CA LEU B 46 7.44 2.68 16.34
C LEU B 46 6.32 2.31 17.28
N HIS B 47 6.49 2.66 18.55
CA HIS B 47 5.55 2.35 19.61
C HIS B 47 4.91 3.65 20.08
N GLY B 48 3.84 3.51 20.86
CA GLY B 48 3.37 4.68 21.55
C GLY B 48 2.52 5.60 20.70
N LEU B 49 2.07 5.15 19.52
CA LEU B 49 1.33 6.07 18.64
C LEU B 49 -0.01 6.52 19.21
N THR B 50 -0.68 5.64 19.96
CA THR B 50 -2.05 5.92 20.42
C THR B 50 -2.32 5.18 21.72
N THR B 51 -3.56 5.28 22.19
CA THR B 51 -3.98 4.66 23.45
C THR B 51 -5.25 3.85 23.22
N GLU B 52 -5.55 2.93 24.14
CA GLU B 52 -6.80 2.16 24.00
C GLU B 52 -8.01 3.09 23.92
N GLU B 53 -7.98 4.20 24.66
CA GLU B 53 -9.15 5.10 24.69
C GLU B 53 -9.31 5.85 23.38
N GLU B 54 -8.19 6.27 22.79
CA GLU B 54 -8.23 7.10 21.60
C GLU B 54 -8.51 6.29 20.34
N PHE B 55 -8.05 5.03 20.33
CA PHE B 55 -8.03 4.17 19.14
C PHE B 55 -9.37 3.47 19.00
N VAL B 56 -10.38 4.27 18.64
CA VAL B 56 -11.75 3.77 18.50
C VAL B 56 -11.91 3.05 17.16
N GLU B 57 -13.07 2.43 16.97
CA GLU B 57 -13.43 1.88 15.67
C GLU B 57 -13.24 2.93 14.59
N GLY B 58 -12.73 2.51 13.44
CA GLY B 58 -12.61 3.45 12.34
C GLY B 58 -11.84 2.81 11.22
N ILE B 59 -11.74 3.54 10.13
CA ILE B 59 -10.85 3.18 9.02
C ILE B 59 -9.57 4.03 9.18
N TYR B 60 -8.44 3.34 9.29
CA TYR B 60 -7.15 3.96 9.51
C TYR B 60 -6.25 3.76 8.31
N LYS B 61 -5.39 4.75 8.07
CA LYS B 61 -4.34 4.62 7.04
C LYS B 61 -2.99 4.88 7.68
N VAL B 62 -2.06 3.94 7.50
CA VAL B 62 -0.69 4.05 8.00
C VAL B 62 0.17 4.33 6.77
N GLU B 63 0.77 5.51 6.67
CA GLU B 63 1.60 5.87 5.52
C GLU B 63 3.05 5.85 5.96
N ILE B 64 3.85 4.98 5.34
CA ILE B 64 5.25 4.79 5.72
C ILE B 64 6.10 5.48 4.67
N ASP B 65 6.96 6.43 5.08
CA ASP B 65 7.70 7.25 4.09
C ASP B 65 8.95 6.50 3.62
N THR B 66 8.69 5.53 2.73
CA THR B 66 9.76 4.69 2.24
C THR B 66 10.67 5.46 1.29
N LYS B 67 10.12 6.43 0.58
CA LYS B 67 10.94 7.09 -0.45
C LYS B 67 12.08 7.88 0.22
N SER B 68 11.79 8.63 1.31
CA SER B 68 12.87 9.34 2.03
C SER B 68 13.91 8.38 2.61
N TYR B 69 13.45 7.24 3.12
CA TYR B 69 14.36 6.22 3.60
C TYR B 69 15.35 5.81 2.51
N TRP B 70 14.85 5.42 1.32
CA TRP B 70 15.77 4.95 0.29
C TRP B 70 16.68 6.07 -0.20
N LYS B 71 16.14 7.28 -0.32
CA LYS B 71 16.95 8.39 -0.87
C LYS B 71 18.14 8.70 0.03
N ALA B 72 17.95 8.58 1.34
CA ALA B 72 19.06 8.87 2.27
C ALA B 72 20.16 7.80 2.19
N LEU B 73 19.84 6.63 1.65
CA LEU B 73 20.79 5.57 1.38
C LEU B 73 21.34 5.65 -0.04
N GLY B 74 21.00 6.70 -0.79
CA GLY B 74 21.52 6.92 -2.13
C GLY B 74 20.74 6.23 -3.22
N ILE B 75 19.55 5.68 -2.91
CA ILE B 75 18.78 4.87 -3.84
C ILE B 75 17.56 5.67 -4.28
N SER B 76 17.28 5.65 -5.59
CA SER B 76 16.05 6.28 -6.06
C SER B 76 15.00 5.19 -6.19
N PRO B 77 14.03 5.11 -5.27
CA PRO B 77 13.11 3.98 -5.24
C PRO B 77 11.89 4.24 -6.12
N PHE B 78 11.09 3.20 -6.26
CA PHE B 78 9.92 3.29 -7.15
C PHE B 78 8.77 3.99 -6.45
N HIS B 79 8.46 3.57 -5.22
CA HIS B 79 7.20 4.02 -4.60
C HIS B 79 7.39 5.33 -3.86
N GLU B 80 6.29 6.11 -3.78
CA GLU B 80 6.34 7.33 -2.96
C GLU B 80 6.31 7.00 -1.47
N HIS B 81 5.57 5.97 -1.11
CA HIS B 81 5.43 5.52 0.28
C HIS B 81 4.75 4.17 0.19
N ALA B 82 4.67 3.52 1.34
CA ALA B 82 3.81 2.35 1.49
C ALA B 82 2.62 2.79 2.32
N GLU B 83 1.39 2.55 1.84
CA GLU B 83 0.17 2.83 2.60
C GLU B 83 -0.53 1.55 3.00
N VAL B 84 -1.01 1.52 4.24
CA VAL B 84 -1.71 0.35 4.76
C VAL B 84 -3.06 0.87 5.25
N VAL B 85 -4.17 0.43 4.66
CA VAL B 85 -5.49 0.98 4.99
C VAL B 85 -6.38 -0.13 5.49
N PHE B 86 -7.01 0.06 6.65
CA PHE B 86 -7.72 -1.07 7.27
C PHE B 86 -8.78 -0.56 8.25
N THR B 87 -9.84 -1.36 8.42
CA THR B 87 -10.77 -1.11 9.51
C THR B 87 -10.24 -1.71 10.80
N ALA B 88 -10.29 -0.92 11.87
CA ALA B 88 -9.83 -1.36 13.18
C ALA B 88 -10.98 -1.49 14.16
N ASN B 89 -10.85 -2.46 15.08
CA ASN B 89 -11.66 -2.62 16.28
C ASN B 89 -13.14 -2.88 15.97
N ASP B 90 -13.44 -3.38 14.76
CA ASP B 90 -14.84 -3.57 14.36
C ASP B 90 -15.50 -4.67 15.20
N SER B 91 -14.72 -5.60 15.74
CA SER B 91 -15.26 -6.67 16.59
C SER B 91 -14.83 -6.49 18.06
N GLY B 92 -14.49 -5.27 18.46
CA GLY B 92 -13.98 -4.95 19.78
C GLY B 92 -12.51 -4.61 19.69
N PRO B 93 -11.92 -4.13 20.79
CA PRO B 93 -10.52 -3.64 20.74
C PRO B 93 -9.56 -4.78 20.46
N ARG B 94 -8.60 -4.49 19.59
CA ARG B 94 -7.52 -5.41 19.28
C ARG B 94 -6.19 -4.65 19.30
N ARG B 95 -5.15 -5.32 19.34
CA ARG B 95 -3.74 -4.95 19.29
C ARG B 95 -3.22 -5.20 17.86
N TYR B 96 -2.75 -4.23 17.13
CA TYR B 96 -2.34 -4.36 15.72
C TYR B 96 -0.86 -4.07 15.59
N THR B 97 -0.10 -5.01 15.02
CA THR B 97 1.24 -4.71 14.54
C THR B 97 1.17 -4.66 13.03
N ILE B 98 1.56 -3.53 12.46
CA ILE B 98 1.64 -3.35 11.01
C ILE B 98 3.11 -3.50 10.67
N ALA B 99 3.49 -4.57 9.96
CA ALA B 99 4.87 -4.84 9.61
C ALA B 99 5.06 -4.56 8.12
N ALA B 100 6.19 -3.96 7.75
CA ALA B 100 6.49 -3.73 6.34
C ALA B 100 7.92 -4.15 6.06
N LEU B 101 8.12 -4.77 4.89
CA LEU B 101 9.43 -5.24 4.45
C LEU B 101 9.76 -4.52 3.14
N LEU B 102 10.84 -3.76 3.13
CA LEU B 102 11.10 -2.79 2.08
C LEU B 102 12.24 -3.19 1.15
N SER B 103 12.02 -3.01 -0.16
CA SER B 103 13.08 -3.04 -1.15
C SER B 103 12.90 -1.84 -2.06
N PRO B 104 13.89 -1.48 -2.87
CA PRO B 104 13.73 -0.24 -3.67
C PRO B 104 12.53 -0.25 -4.60
N TYR B 105 12.24 -1.38 -5.23
CA TYR B 105 11.13 -1.46 -6.17
C TYR B 105 10.00 -2.36 -5.68
N SER B 106 9.93 -2.66 -4.37
CA SER B 106 8.97 -3.62 -3.90
C SER B 106 8.76 -3.40 -2.42
N TYR B 107 7.55 -3.65 -1.94
CA TYR B 107 7.41 -3.80 -0.48
C TYR B 107 6.31 -4.82 -0.20
N SER B 108 6.36 -5.37 1.01
CA SER B 108 5.31 -6.21 1.51
C SER B 108 4.86 -5.68 2.85
N THR B 109 3.60 -5.98 3.17
CA THR B 109 3.11 -5.59 4.46
C THR B 109 2.21 -6.68 4.99
N THR B 110 2.24 -6.86 6.30
CA THR B 110 1.39 -7.86 6.93
C THR B 110 0.89 -7.27 8.23
N ALA B 111 -0.24 -7.75 8.68
CA ALA B 111 -0.75 -7.33 9.98
C ALA B 111 -0.80 -8.53 10.90
N VAL B 112 -0.36 -8.33 12.15
CA VAL B 112 -0.53 -9.29 13.23
C VAL B 112 -1.52 -8.68 14.20
N VAL B 113 -2.66 -9.35 14.34
CA VAL B 113 -3.78 -8.83 15.11
C VAL B 113 -4.01 -9.79 16.26
N THR B 114 -3.98 -9.27 17.48
CA THR B 114 -4.11 -10.11 18.66
C THR B 114 -5.14 -9.51 19.62
N ASN B 115 -5.68 -10.38 20.48
CA ASN B 115 -6.78 -9.98 21.36
C ASN B 115 -6.31 -10.02 22.81
N PRO B 116 -6.08 -8.87 23.48
CA PRO B 116 -5.56 -8.86 24.86
C PRO B 116 -6.54 -9.40 25.89
#